data_1X9U
#
_entry.id   1X9U
#
_cell.length_a   92.650
_cell.length_b   92.650
_cell.length_c   47.700
_cell.angle_alpha   90.00
_cell.angle_beta   90.00
_cell.angle_gamma   120.00
#
_symmetry.space_group_name_H-M   'P 65'
#
loop_
_entity.id
_entity.type
_entity.pdbx_description
1 polymer Umecyanin
2 non-polymer 'COPPER (II) ION'
3 water water
#
_entity_poly.entity_id   1
_entity_poly.type   'polypeptide(L)'
_entity_poly.pdbx_seq_one_letter_code
;MEDYDVGGDMEWKRPSDPKFYITWATGKTFRVGDELEFDFAAGMHDVAVVTKDAFDNCKKENPISHMTTPPVKIMLNTTG
PQYYICTVGDHCRVGQKLSINVVGAGGAGGGATPGA
;
_entity_poly.pdbx_strand_id   A,B
#
# COMPACT_ATOMS: atom_id res chain seq x y z
N MET A 1 -20.26 -3.88 -1.30
CA MET A 1 -18.87 -4.42 -1.22
C MET A 1 -18.67 -5.37 -0.03
N GLU A 2 -17.47 -5.93 0.05
CA GLU A 2 -17.08 -6.82 1.13
C GLU A 2 -15.59 -6.54 1.40
N ASP A 3 -15.20 -6.56 2.68
CA ASP A 3 -13.81 -6.35 3.05
C ASP A 3 -13.29 -7.71 3.51
N TYR A 4 -12.42 -8.33 2.73
CA TYR A 4 -11.90 -9.64 3.13
C TYR A 4 -10.64 -9.53 3.95
N ASP A 5 -10.57 -10.27 5.05
CA ASP A 5 -9.38 -10.26 5.87
C ASP A 5 -8.66 -11.54 5.40
N VAL A 6 -7.55 -11.36 4.71
CA VAL A 6 -6.82 -12.48 4.16
C VAL A 6 -6.33 -13.46 5.22
N GLY A 7 -6.71 -14.72 5.07
CA GLY A 7 -6.31 -15.74 6.02
C GLY A 7 -7.31 -15.93 7.14
N GLY A 8 -8.29 -15.04 7.20
CA GLY A 8 -9.24 -15.10 8.28
C GLY A 8 -8.53 -15.04 9.62
N ASP A 9 -8.91 -15.94 10.54
CA ASP A 9 -8.31 -15.97 11.88
C ASP A 9 -6.78 -16.16 11.86
N MET A 10 -6.25 -16.85 10.84
CA MET A 10 -4.81 -17.05 10.76
C MET A 10 -4.06 -15.76 10.31
N GLU A 11 -4.83 -14.85 9.73
CA GLU A 11 -4.33 -13.57 9.20
C GLU A 11 -3.30 -13.83 8.10
N TRP A 12 -2.36 -12.89 7.89
CA TRP A 12 -1.32 -13.04 6.84
C TRP A 12 -0.03 -13.52 7.52
N LYS A 13 0.25 -14.82 7.45
CA LYS A 13 1.42 -15.35 8.13
C LYS A 13 2.04 -16.43 7.34
N ARG A 14 3.11 -17.00 7.87
CA ARG A 14 3.81 -18.09 7.16
C ARG A 14 3.00 -19.34 7.44
N PRO A 15 2.33 -19.90 6.42
CA PRO A 15 1.51 -21.09 6.65
C PRO A 15 2.27 -22.39 6.93
N SER A 16 1.63 -23.32 7.65
CA SER A 16 2.23 -24.65 7.94
C SER A 16 2.02 -25.57 6.73
N ASP A 17 0.92 -25.32 6.04
CA ASP A 17 0.47 -26.07 4.87
C ASP A 17 0.56 -25.14 3.67
N PRO A 18 1.27 -25.52 2.59
CA PRO A 18 1.40 -24.69 1.38
C PRO A 18 0.06 -24.31 0.68
N LYS A 19 -0.99 -25.10 0.85
CA LYS A 19 -2.22 -24.72 0.19
C LYS A 19 -3.15 -23.80 1.00
N PHE A 20 -2.70 -23.40 2.19
CA PHE A 20 -3.54 -22.62 3.07
C PHE A 20 -4.28 -21.43 2.42
N TYR A 21 -3.56 -20.58 1.68
CA TYR A 21 -4.26 -19.43 1.08
C TYR A 21 -5.04 -19.80 -0.17
N ILE A 22 -4.73 -20.95 -0.77
CA ILE A 22 -5.49 -21.40 -1.92
C ILE A 22 -6.85 -21.76 -1.33
N THR A 23 -6.83 -22.52 -0.22
CA THR A 23 -8.06 -22.89 0.46
C THR A 23 -8.87 -21.66 0.90
N TRP A 24 -8.22 -20.72 1.55
CA TRP A 24 -8.91 -19.50 2.01
C TRP A 24 -9.60 -18.76 0.86
N ALA A 25 -8.95 -18.68 -0.30
CA ALA A 25 -9.50 -17.95 -1.43
C ALA A 25 -10.64 -18.66 -2.16
N THR A 26 -10.66 -19.97 -2.08
CA THR A 26 -11.67 -20.80 -2.77
C THR A 26 -13.13 -20.51 -2.42
N GLY A 27 -13.98 -20.36 -3.46
CA GLY A 27 -15.38 -20.10 -3.17
C GLY A 27 -15.76 -18.64 -2.93
N LYS A 28 -14.77 -17.80 -2.63
CA LYS A 28 -15.05 -16.38 -2.39
C LYS A 28 -15.14 -15.66 -3.70
N THR A 29 -15.97 -14.63 -3.73
CA THR A 29 -16.14 -13.84 -4.94
C THR A 29 -15.51 -12.51 -4.65
N PHE A 30 -14.44 -12.22 -5.37
CA PHE A 30 -13.74 -10.96 -5.24
C PHE A 30 -14.25 -10.04 -6.38
N ARG A 31 -15.01 -9.02 -6.02
CA ARG A 31 -15.55 -8.08 -7.04
C ARG A 31 -14.93 -6.70 -7.01
N VAL A 32 -15.01 -6.04 -8.15
CA VAL A 32 -14.55 -4.68 -8.21
C VAL A 32 -15.34 -3.96 -7.10
N GLY A 33 -14.62 -3.23 -6.26
CA GLY A 33 -15.26 -2.52 -5.16
C GLY A 33 -14.97 -3.15 -3.82
N ASP A 34 -14.45 -4.38 -3.84
CA ASP A 34 -14.15 -5.07 -2.59
C ASP A 34 -12.75 -4.68 -2.10
N GLU A 35 -12.48 -4.97 -0.85
CA GLU A 35 -11.19 -4.64 -0.27
C GLU A 35 -10.51 -5.86 0.32
N LEU A 36 -9.20 -5.89 0.26
CA LEU A 36 -8.43 -6.97 0.89
C LEU A 36 -7.64 -6.33 2.02
N GLU A 37 -7.66 -6.97 3.17
CA GLU A 37 -6.86 -6.47 4.28
C GLU A 37 -5.91 -7.57 4.73
N PHE A 38 -4.63 -7.21 4.77
CA PHE A 38 -3.59 -8.14 5.21
C PHE A 38 -3.14 -7.66 6.58
N ASP A 39 -3.36 -8.49 7.59
CA ASP A 39 -2.95 -8.13 8.96
C ASP A 39 -1.71 -8.93 9.35
N PHE A 40 -0.71 -8.26 9.90
CA PHE A 40 0.54 -8.89 10.30
C PHE A 40 1.31 -7.95 11.22
N ALA A 41 2.31 -8.50 11.88
CA ALA A 41 3.16 -7.73 12.76
C ALA A 41 4.25 -7.06 11.91
N ALA A 42 4.48 -5.76 12.16
CA ALA A 42 5.49 -4.99 11.45
C ALA A 42 6.84 -5.69 11.39
N GLY A 43 7.42 -5.70 10.20
CA GLY A 43 8.72 -6.35 10.01
C GLY A 43 8.75 -7.87 9.90
N MET A 44 7.67 -8.54 10.27
CA MET A 44 7.66 -10.01 10.22
C MET A 44 7.15 -10.57 8.89
N HIS A 45 6.35 -9.76 8.16
CA HIS A 45 5.76 -10.10 6.88
C HIS A 45 5.55 -8.79 6.09
N ASP A 46 5.29 -8.88 4.78
CA ASP A 46 4.94 -7.65 4.06
C ASP A 46 4.02 -8.10 2.94
N VAL A 47 3.70 -7.19 2.02
CA VAL A 47 2.88 -7.53 0.88
C VAL A 47 3.51 -6.95 -0.36
N ALA A 48 3.62 -7.77 -1.41
CA ALA A 48 4.11 -7.32 -2.70
C ALA A 48 3.06 -7.77 -3.70
N VAL A 49 2.61 -6.85 -4.55
CA VAL A 49 1.61 -7.12 -5.59
C VAL A 49 2.52 -7.42 -6.77
N VAL A 50 2.29 -8.57 -7.40
CA VAL A 50 3.19 -9.03 -8.44
C VAL A 50 2.51 -9.61 -9.66
N THR A 51 3.31 -9.84 -10.70
CA THR A 51 2.81 -10.47 -11.93
C THR A 51 2.67 -11.97 -11.66
N LYS A 52 1.99 -12.65 -12.58
CA LYS A 52 1.81 -14.10 -12.50
C LYS A 52 3.17 -14.82 -12.43
N ASP A 53 4.07 -14.48 -13.33
CA ASP A 53 5.36 -15.14 -13.30
C ASP A 53 6.10 -14.88 -11.98
N ALA A 54 6.07 -13.63 -11.49
CA ALA A 54 6.76 -13.37 -10.22
C ALA A 54 6.09 -14.16 -9.07
N PHE A 55 4.78 -14.38 -9.19
CA PHE A 55 4.02 -15.14 -8.18
C PHE A 55 4.51 -16.57 -8.23
N ASP A 56 4.44 -17.13 -9.42
CA ASP A 56 4.85 -18.51 -9.62
C ASP A 56 6.24 -18.82 -9.10
N ASN A 57 7.19 -17.91 -9.29
CA ASN A 57 8.57 -18.15 -8.86
C ASN A 57 8.99 -17.40 -7.63
N CYS A 58 8.03 -16.82 -6.95
CA CYS A 58 8.32 -16.06 -5.77
C CYS A 58 9.41 -15.01 -5.99
N LYS A 59 9.33 -14.31 -7.11
CA LYS A 59 10.31 -13.25 -7.40
C LYS A 59 9.96 -12.00 -6.54
N LYS A 60 10.84 -11.62 -5.64
CA LYS A 60 10.58 -10.49 -4.74
C LYS A 60 10.96 -9.09 -5.31
N GLU A 61 11.89 -9.06 -6.26
CA GLU A 61 12.34 -7.78 -6.83
C GLU A 61 11.38 -7.11 -7.82
N ASN A 62 11.41 -5.78 -7.80
CA ASN A 62 10.64 -4.98 -8.76
C ASN A 62 9.15 -5.33 -8.88
N PRO A 63 8.46 -5.41 -7.74
CA PRO A 63 7.02 -5.74 -7.77
C PRO A 63 6.18 -4.55 -8.32
N ILE A 64 4.89 -4.79 -8.56
CA ILE A 64 3.96 -3.75 -9.04
C ILE A 64 3.77 -2.76 -7.89
N SER A 65 3.62 -3.31 -6.69
CA SER A 65 3.50 -2.53 -5.47
C SER A 65 4.15 -3.34 -4.36
N HIS A 66 4.44 -2.66 -3.25
CA HIS A 66 5.09 -3.26 -2.09
C HIS A 66 4.70 -2.48 -0.84
N MET A 67 4.19 -3.15 0.19
CA MET A 67 3.77 -2.44 1.40
C MET A 67 4.36 -3.10 2.62
N THR A 68 5.02 -2.30 3.45
CA THR A 68 5.65 -2.84 4.65
C THR A 68 4.98 -2.54 5.98
N THR A 69 4.10 -1.54 6.00
CA THR A 69 3.38 -1.17 7.23
C THR A 69 1.98 -1.77 7.32
N PRO A 70 1.70 -2.55 8.39
CA PRO A 70 0.37 -3.15 8.53
C PRO A 70 -0.63 -2.25 9.28
N PRO A 71 -1.91 -2.48 9.05
CA PRO A 71 -2.47 -3.47 8.12
C PRO A 71 -2.39 -2.91 6.69
N VAL A 72 -2.25 -3.78 5.70
CA VAL A 72 -2.21 -3.39 4.29
C VAL A 72 -3.64 -3.56 3.77
N LYS A 73 -4.23 -2.45 3.28
CA LYS A 73 -5.60 -2.47 2.75
C LYS A 73 -5.55 -2.12 1.26
N ILE A 74 -6.03 -3.04 0.44
CA ILE A 74 -5.97 -2.87 -1.03
C ILE A 74 -7.36 -2.98 -1.64
N MET A 75 -7.80 -1.92 -2.33
CA MET A 75 -9.10 -1.95 -3.00
C MET A 75 -8.91 -2.66 -4.35
N LEU A 76 -9.92 -3.41 -4.73
CA LEU A 76 -9.88 -4.17 -5.96
C LEU A 76 -10.69 -3.35 -6.94
N ASN A 77 -9.99 -2.62 -7.81
CA ASN A 77 -10.71 -1.74 -8.72
C ASN A 77 -10.86 -2.22 -10.13
N THR A 78 -10.12 -3.25 -10.50
CA THR A 78 -10.20 -3.77 -11.87
C THR A 78 -10.38 -5.28 -11.90
N THR A 79 -11.03 -5.77 -12.96
CA THR A 79 -11.29 -7.21 -13.08
C THR A 79 -10.03 -7.93 -13.54
N GLY A 80 -9.99 -9.24 -13.33
CA GLY A 80 -8.86 -10.04 -13.75
C GLY A 80 -8.01 -10.56 -12.59
N PRO A 81 -6.99 -11.37 -12.90
CA PRO A 81 -6.07 -11.97 -11.93
C PRO A 81 -5.23 -10.94 -11.18
N GLN A 82 -5.10 -11.16 -9.88
CA GLN A 82 -4.27 -10.34 -9.00
C GLN A 82 -3.47 -11.35 -8.17
N TYR A 83 -2.18 -11.05 -7.99
CA TYR A 83 -1.28 -11.93 -7.26
C TYR A 83 -0.54 -11.18 -6.16
N TYR A 84 -0.43 -11.82 -5.01
CA TYR A 84 0.22 -11.20 -3.86
C TYR A 84 1.17 -12.23 -3.21
N ILE A 85 2.31 -11.78 -2.73
CA ILE A 85 3.24 -12.67 -2.01
C ILE A 85 3.78 -11.88 -0.85
N CYS A 86 4.33 -12.58 0.14
CA CYS A 86 5.02 -11.89 1.22
C CYS A 86 6.47 -12.11 0.79
N THR A 87 7.31 -11.07 0.87
CA THR A 87 8.71 -11.22 0.46
C THR A 87 9.70 -11.50 1.59
N VAL A 88 9.22 -11.70 2.83
CA VAL A 88 10.10 -11.95 3.96
C VAL A 88 10.57 -13.41 3.97
N GLY A 89 11.90 -13.62 4.10
CA GLY A 89 12.46 -14.96 4.14
C GLY A 89 11.93 -16.00 3.16
N ASP A 90 11.60 -17.19 3.65
CA ASP A 90 11.13 -18.26 2.77
C ASP A 90 9.63 -18.30 2.69
N HIS A 91 8.95 -17.29 3.25
CA HIS A 91 7.50 -17.37 3.32
C HIS A 91 6.74 -17.63 2.03
N CYS A 92 7.14 -16.99 0.95
CA CYS A 92 6.43 -17.18 -0.33
C CYS A 92 6.64 -18.61 -0.78
N ARG A 93 7.91 -19.02 -0.69
CA ARG A 93 8.31 -20.35 -1.09
C ARG A 93 7.53 -21.44 -0.38
N VAL A 94 7.03 -21.17 0.83
CA VAL A 94 6.27 -22.18 1.54
C VAL A 94 4.77 -21.94 1.50
N GLY A 95 4.36 -21.01 0.66
CA GLY A 95 2.90 -20.81 0.49
C GLY A 95 2.26 -19.48 0.88
N GLN A 96 3.04 -18.52 1.36
CA GLN A 96 2.45 -17.23 1.77
C GLN A 96 2.33 -16.37 0.52
N LYS A 97 1.24 -16.64 -0.21
CA LYS A 97 0.97 -15.97 -1.46
C LYS A 97 -0.49 -16.18 -1.70
N LEU A 98 -1.08 -15.29 -2.48
CA LEU A 98 -2.51 -15.36 -2.74
C LEU A 98 -2.73 -14.98 -4.18
N SER A 99 -3.62 -15.75 -4.81
CA SER A 99 -4.00 -15.55 -6.20
C SER A 99 -5.51 -15.48 -6.26
N ILE A 100 -6.02 -14.42 -6.86
CA ILE A 100 -7.47 -14.29 -6.99
C ILE A 100 -7.81 -13.79 -8.38
N ASN A 101 -9.09 -13.85 -8.71
CA ASN A 101 -9.53 -13.33 -10.00
C ASN A 101 -10.75 -12.46 -9.70
N VAL A 102 -10.59 -11.18 -9.97
CA VAL A 102 -11.63 -10.20 -9.73
C VAL A 102 -12.67 -10.17 -10.86
N VAL A 103 -13.95 -10.14 -10.50
CA VAL A 103 -15.03 -10.05 -11.50
C VAL A 103 -15.80 -8.72 -11.33
N GLY A 104 -16.70 -8.42 -12.25
CA GLY A 104 -17.46 -7.16 -12.18
C GLY A 104 -18.26 -6.90 -10.93
N ALA A 105 -18.53 -5.64 -10.61
CA ALA A 105 -19.32 -5.36 -9.40
C ALA A 105 -20.73 -5.99 -9.56
N MET B 1 -6.91 7.29 15.88
CA MET B 1 -8.32 7.67 15.90
C MET B 1 -8.69 8.76 14.88
N GLU B 2 -7.70 9.35 14.19
CA GLU B 2 -8.02 10.32 13.14
C GLU B 2 -7.50 9.81 11.76
N ASP B 3 -8.33 9.94 10.74
CA ASP B 3 -7.98 9.54 9.38
C ASP B 3 -7.94 10.82 8.57
N TYR B 4 -6.80 11.09 7.97
CA TYR B 4 -6.63 12.30 7.17
C TYR B 4 -6.64 12.01 5.69
N ASP B 5 -7.42 12.78 4.92
CA ASP B 5 -7.44 12.63 3.46
C ASP B 5 -6.41 13.65 3.02
N VAL B 6 -5.26 13.17 2.58
CA VAL B 6 -4.15 14.04 2.18
C VAL B 6 -4.56 14.94 1.01
N GLY B 7 -4.41 16.22 1.25
CA GLY B 7 -4.78 17.20 0.26
C GLY B 7 -6.15 17.79 0.49
N GLY B 8 -6.92 17.21 1.42
CA GLY B 8 -8.25 17.70 1.70
C GLY B 8 -9.15 17.50 0.48
N ASP B 9 -9.96 18.52 0.17
CA ASP B 9 -10.88 18.42 -0.97
C ASP B 9 -10.10 18.22 -2.27
N MET B 10 -8.85 18.65 -2.33
CA MET B 10 -8.04 18.49 -3.54
C MET B 10 -7.47 17.09 -3.70
N GLU B 11 -7.42 16.34 -2.58
CA GLU B 11 -6.88 14.99 -2.58
C GLU B 11 -5.46 14.97 -3.08
N TRP B 12 -4.99 13.81 -3.55
CA TRP B 12 -3.61 13.61 -3.98
C TRP B 12 -3.46 13.83 -5.47
N LYS B 13 -2.84 14.94 -5.84
CA LYS B 13 -2.67 15.23 -7.23
C LYS B 13 -1.55 16.22 -7.47
N ARG B 14 -1.23 16.49 -8.74
CA ARG B 14 -0.14 17.41 -9.10
C ARG B 14 -0.55 18.85 -8.77
N PRO B 15 0.11 19.48 -7.78
CA PRO B 15 -0.24 20.86 -7.38
C PRO B 15 0.25 21.96 -8.32
N SER B 16 -0.49 23.07 -8.35
CA SER B 16 -0.13 24.26 -9.13
C SER B 16 0.90 25.07 -8.36
N ASP B 17 0.83 24.96 -7.04
CA ASP B 17 1.72 25.68 -6.15
C ASP B 17 2.50 24.63 -5.39
N PRO B 18 3.84 24.63 -5.53
CA PRO B 18 4.72 23.68 -4.85
C PRO B 18 4.59 23.60 -3.32
N LYS B 19 3.95 24.58 -2.69
CA LYS B 19 3.78 24.56 -1.22
C LYS B 19 2.49 23.88 -0.80
N PHE B 20 1.66 23.49 -1.75
CA PHE B 20 0.34 22.95 -1.44
C PHE B 20 0.26 21.93 -0.29
N TYR B 21 1.10 20.90 -0.31
CA TYR B 21 0.98 19.88 0.76
C TYR B 21 1.68 20.33 2.06
N ILE B 22 2.58 21.31 1.96
CA ILE B 22 3.18 21.86 3.19
C ILE B 22 2.03 22.61 3.90
N THR B 23 1.28 23.39 3.14
CA THR B 23 0.13 24.14 3.68
C THR B 23 -0.96 23.21 4.25
N TRP B 24 -1.26 22.13 3.53
CA TRP B 24 -2.27 21.18 3.99
C TRP B 24 -1.90 20.53 5.30
N ALA B 25 -0.63 20.19 5.46
CA ALA B 25 -0.17 19.56 6.70
C ALA B 25 -0.08 20.53 7.86
N THR B 26 -0.07 21.83 7.57
CA THR B 26 0.04 22.83 8.62
C THR B 26 -1.11 22.84 9.60
N GLY B 27 -0.76 22.84 10.87
CA GLY B 27 -1.79 22.88 11.90
C GLY B 27 -2.33 21.51 12.26
N LYS B 28 -1.81 20.49 11.62
CA LYS B 28 -2.25 19.14 11.94
C LYS B 28 -1.19 18.42 12.75
N THR B 29 -1.65 17.73 13.78
CA THR B 29 -0.73 17.00 14.63
C THR B 29 -1.05 15.55 14.36
N PHE B 30 -0.14 14.85 13.70
CA PHE B 30 -0.34 13.44 13.40
C PHE B 30 0.18 12.65 14.60
N ARG B 31 -0.69 11.83 15.19
CA ARG B 31 -0.39 11.03 16.39
C ARG B 31 -0.34 9.52 16.06
N VAL B 32 0.48 8.76 16.78
CA VAL B 32 0.55 7.34 16.49
C VAL B 32 -0.87 6.78 16.59
N GLY B 33 -1.20 5.94 15.62
CA GLY B 33 -2.53 5.37 15.59
C GLY B 33 -3.42 6.05 14.56
N ASP B 34 -2.98 7.20 14.05
CA ASP B 34 -3.78 7.93 13.05
C ASP B 34 -3.54 7.23 11.68
N GLU B 35 -4.26 7.65 10.66
CA GLU B 35 -4.12 7.03 9.35
C GLU B 35 -4.10 8.11 8.24
N LEU B 36 -3.48 7.80 7.11
CA LEU B 36 -3.45 8.75 6.01
C LEU B 36 -4.13 8.04 4.85
N GLU B 37 -4.96 8.75 4.12
CA GLU B 37 -5.56 8.17 2.93
C GLU B 37 -5.18 9.08 1.74
N PHE B 38 -4.68 8.46 0.66
CA PHE B 38 -4.31 9.17 -0.56
C PHE B 38 -5.29 8.73 -1.62
N ASP B 39 -6.11 9.67 -2.12
CA ASP B 39 -7.11 9.37 -3.13
C ASP B 39 -6.67 9.95 -4.45
N PHE B 40 -6.84 9.18 -5.51
CA PHE B 40 -6.41 9.60 -6.83
C PHE B 40 -6.94 8.63 -7.88
N ALA B 41 -6.79 9.02 -9.15
CA ALA B 41 -7.23 8.18 -10.28
C ALA B 41 -6.13 7.17 -10.64
N ALA B 42 -6.48 5.89 -10.78
CA ALA B 42 -5.50 4.85 -11.11
C ALA B 42 -4.61 5.24 -12.29
N GLY B 43 -3.34 4.93 -12.16
CA GLY B 43 -2.36 5.23 -13.16
C GLY B 43 -1.97 6.69 -13.35
N MET B 44 -2.66 7.60 -12.67
CA MET B 44 -2.36 9.03 -12.85
C MET B 44 -1.43 9.55 -11.78
N HIS B 45 -1.40 8.88 -10.62
CA HIS B 45 -0.53 9.25 -9.50
C HIS B 45 -0.25 7.97 -8.74
N ASP B 46 0.70 7.99 -7.81
CA ASP B 46 0.89 6.81 -6.97
C ASP B 46 1.44 7.34 -5.67
N VAL B 47 1.87 6.42 -4.79
CA VAL B 47 2.48 6.81 -3.51
C VAL B 47 3.73 5.95 -3.29
N ALA B 48 4.84 6.61 -2.99
CA ALA B 48 6.08 5.92 -2.67
C ALA B 48 6.45 6.48 -1.30
N VAL B 49 6.73 5.57 -0.36
CA VAL B 49 7.13 5.95 1.00
C VAL B 49 8.67 5.94 0.88
N VAL B 50 9.30 7.08 1.16
CA VAL B 50 10.73 7.19 0.96
C VAL B 50 11.51 7.76 2.14
N THR B 51 12.84 7.75 1.99
CA THR B 51 13.72 8.32 3.00
C THR B 51 13.72 9.85 2.86
N LYS B 52 14.26 10.53 3.86
CA LYS B 52 14.37 11.98 3.77
C LYS B 52 15.17 12.40 2.51
N ASP B 53 16.24 11.71 2.17
CA ASP B 53 17.01 12.12 0.98
C ASP B 53 16.25 11.88 -0.33
N ALA B 54 15.51 10.76 -0.40
CA ALA B 54 14.72 10.44 -1.58
C ALA B 54 13.67 11.51 -1.76
N PHE B 55 13.14 11.96 -0.62
CA PHE B 55 12.11 12.98 -0.56
C PHE B 55 12.60 14.31 -1.08
N ASP B 56 13.70 14.80 -0.49
CA ASP B 56 14.26 16.07 -0.91
C ASP B 56 14.61 16.10 -2.40
N ASN B 57 15.11 14.97 -2.90
CA ASN B 57 15.52 14.84 -4.31
C ASN B 57 14.58 14.11 -5.24
N CYS B 58 13.39 13.79 -4.76
CA CYS B 58 12.43 13.08 -5.59
C CYS B 58 13.00 11.84 -6.29
N LYS B 59 13.71 10.99 -5.55
CA LYS B 59 14.29 9.76 -6.09
C LYS B 59 13.17 8.72 -6.10
N LYS B 60 12.74 8.30 -7.29
CA LYS B 60 11.63 7.36 -7.42
C LYS B 60 11.97 5.88 -7.13
N GLU B 61 13.20 5.51 -7.46
CA GLU B 61 13.68 4.14 -7.32
C GLU B 61 13.95 3.61 -5.90
N ASN B 62 13.67 2.32 -5.71
CA ASN B 62 13.90 1.64 -4.45
C ASN B 62 13.30 2.30 -3.19
N PRO B 63 12.00 2.62 -3.25
CA PRO B 63 11.38 3.24 -2.09
C PRO B 63 11.18 2.24 -0.94
N ILE B 64 10.80 2.74 0.24
CA ILE B 64 10.52 1.89 1.42
C ILE B 64 9.24 1.10 1.11
N SER B 65 8.24 1.76 0.52
CA SER B 65 7.00 1.10 0.09
C SER B 65 6.52 1.85 -1.15
N HIS B 66 5.63 1.21 -1.92
CA HIS B 66 5.14 1.78 -3.15
C HIS B 66 3.76 1.23 -3.47
N MET B 67 2.78 2.11 -3.62
CA MET B 67 1.45 1.64 -3.96
C MET B 67 0.87 2.37 -5.17
N THR B 68 0.31 1.59 -6.09
CA THR B 68 -0.21 2.11 -7.33
C THR B 68 -1.71 2.08 -7.45
N THR B 69 -2.39 1.32 -6.60
CA THR B 69 -3.84 1.31 -6.70
C THR B 69 -4.46 2.18 -5.59
N PRO B 70 -5.43 3.04 -5.97
CA PRO B 70 -6.11 3.92 -5.01
C PRO B 70 -7.36 3.24 -4.42
N PRO B 71 -7.75 3.64 -3.20
CA PRO B 71 -7.06 4.66 -2.41
C PRO B 71 -5.92 4.00 -1.64
N VAL B 72 -4.89 4.76 -1.32
CA VAL B 72 -3.78 4.20 -0.55
C VAL B 72 -4.04 4.58 0.89
N LYS B 73 -4.17 3.57 1.76
CA LYS B 73 -4.42 3.80 3.18
C LYS B 73 -3.21 3.35 3.99
N ILE B 74 -2.63 4.25 4.79
CA ILE B 74 -1.44 3.87 5.54
C ILE B 74 -1.59 4.23 7.03
N MET B 75 -1.42 3.26 7.92
CA MET B 75 -1.54 3.57 9.37
C MET B 75 -0.21 4.16 9.83
N LEU B 76 -0.28 5.15 10.73
CA LEU B 76 0.92 5.79 11.25
C LEU B 76 1.13 5.13 12.63
N ASN B 77 1.87 4.04 12.64
CA ASN B 77 2.03 3.34 13.90
C ASN B 77 3.39 3.51 14.58
N THR B 78 4.17 4.47 14.10
CA THR B 78 5.49 4.73 14.69
C THR B 78 5.71 6.24 14.73
N THR B 79 6.19 6.76 15.88
CA THR B 79 6.44 8.21 15.98
C THR B 79 7.64 8.57 15.12
N GLY B 80 7.76 9.85 14.78
CA GLY B 80 8.89 10.26 13.97
C GLY B 80 8.49 10.73 12.56
N PRO B 81 9.47 11.11 11.75
CA PRO B 81 9.23 11.60 10.37
C PRO B 81 8.81 10.54 9.38
N GLN B 82 7.81 10.88 8.56
CA GLN B 82 7.32 10.00 7.51
C GLN B 82 7.39 10.92 6.25
N TYR B 83 7.88 10.37 5.13
CA TYR B 83 8.03 11.05 3.83
C TYR B 83 7.36 10.30 2.69
N TYR B 84 6.59 11.03 1.89
CA TYR B 84 5.89 10.41 0.76
C TYR B 84 6.01 11.26 -0.51
N ILE B 85 6.13 10.62 -1.67
CA ILE B 85 6.19 11.34 -2.94
C ILE B 85 5.36 10.61 -3.97
N CYS B 86 4.89 11.33 -4.99
CA CYS B 86 4.20 10.64 -6.09
C CYS B 86 5.37 10.46 -7.09
N THR B 87 5.51 9.29 -7.68
CA THR B 87 6.60 9.06 -8.63
C THR B 87 6.19 9.20 -10.10
N VAL B 88 4.96 9.66 -10.38
CA VAL B 88 4.53 9.80 -11.76
C VAL B 88 5.02 11.14 -12.36
N GLY B 89 5.60 11.05 -13.55
CA GLY B 89 6.08 12.24 -14.24
C GLY B 89 6.88 13.23 -13.40
N ASP B 90 6.52 14.50 -13.56
CA ASP B 90 7.20 15.57 -12.83
C ASP B 90 6.53 15.94 -11.54
N HIS B 91 5.48 15.22 -11.18
CA HIS B 91 4.68 15.57 -10.00
C HIS B 91 5.47 15.86 -8.69
N CYS B 92 6.42 15.00 -8.30
CA CYS B 92 7.18 15.23 -7.09
C CYS B 92 7.98 16.55 -7.18
N ARG B 93 8.62 16.77 -8.33
CA ARG B 93 9.44 17.95 -8.53
C ARG B 93 8.62 19.23 -8.49
N VAL B 94 7.34 19.19 -8.87
CA VAL B 94 6.50 20.39 -8.77
C VAL B 94 5.75 20.45 -7.42
N GLY B 95 6.08 19.52 -6.52
CA GLY B 95 5.49 19.53 -5.19
C GLY B 95 4.55 18.45 -4.69
N GLN B 96 4.31 17.39 -5.44
CA GLN B 96 3.38 16.35 -4.92
C GLN B 96 4.22 15.46 -4.03
N LYS B 97 4.34 15.87 -2.78
CA LYS B 97 5.16 15.14 -1.81
C LYS B 97 4.63 15.62 -0.47
N LEU B 98 4.78 14.78 0.56
CA LEU B 98 4.26 15.15 1.87
C LEU B 98 5.29 14.72 2.92
N SER B 99 5.57 15.61 3.87
CA SER B 99 6.50 15.37 4.97
C SER B 99 5.71 15.65 6.25
N ILE B 100 5.66 14.67 7.15
CA ILE B 100 4.97 14.84 8.44
C ILE B 100 5.85 14.31 9.56
N ASN B 101 5.49 14.62 10.80
CA ASN B 101 6.26 14.12 11.95
C ASN B 101 5.25 13.53 12.93
N VAL B 102 5.27 12.21 13.12
CA VAL B 102 4.26 11.60 14.01
C VAL B 102 4.66 11.74 15.48
N VAL B 103 3.71 12.14 16.33
CA VAL B 103 4.02 12.29 17.76
C VAL B 103 3.10 11.45 18.64
N GLY B 104 3.34 11.47 19.95
CA GLY B 104 2.52 10.71 20.89
C GLY B 104 2.57 11.28 22.29
#